data_6G24
#
_entry.id   6G24
#
_cell.length_a   45.213
_cell.length_b   46.741
_cell.length_c   63.754
_cell.angle_alpha   90.000
_cell.angle_beta   90.000
_cell.angle_gamma   90.000
#
_symmetry.space_group_name_H-M   'P 21 21 21'
#
loop_
_entity.id
_entity.type
_entity.pdbx_description
1 polymer 'Histone-lysine N-methyltransferase NSD3'
2 non-polymer '2-[(~{E})-2-thiophen-2-ylethenyl]benzoic acid'
3 water water
#
_entity_poly.entity_id   1
_entity_poly.type   'polypeptide(L)'
_entity_poly.pdbx_seq_one_letter_code
;STGVKFQVGDLVWSKVGTYPWWPCMVSSDPQLEVHTKINTRGAREYHVQFFSNQPERAWVHEKRVREYKGHKQYEELLAE
ATKQASNHSEKQKIRKPRPQRERAQWDIGIAHAEKALKMTREERIEQYTFIYIDKQ
;
_entity_poly.pdbx_strand_id   A
#
loop_
_chem_comp.id
_chem_comp.type
_chem_comp.name
_chem_comp.formula
EH2 non-polymer '2-[(~{E})-2-thiophen-2-ylethenyl]benzoic acid' 'C13 H10 O2 S'
#
# COMPACT_ATOMS: atom_id res chain seq x y z
N VAL A 4 -15.34 6.65 -3.25
CA VAL A 4 -14.68 5.72 -2.32
C VAL A 4 -14.59 4.33 -2.96
N LYS A 5 -13.43 4.02 -3.55
CA LYS A 5 -13.17 2.74 -4.20
C LYS A 5 -12.57 1.69 -3.26
N PHE A 6 -11.90 2.12 -2.17
CA PHE A 6 -11.25 1.23 -1.22
C PHE A 6 -11.81 1.31 0.19
N GLN A 7 -11.77 0.17 0.90
CA GLN A 7 -12.27 0.02 2.26
C GLN A 7 -11.16 -0.52 3.16
N VAL A 8 -11.36 -0.45 4.49
CA VAL A 8 -10.41 -0.96 5.49
C VAL A 8 -10.15 -2.45 5.21
N GLY A 9 -8.89 -2.84 5.23
CA GLY A 9 -8.52 -4.22 5.00
C GLY A 9 -8.23 -4.55 3.56
N ASP A 10 -8.55 -3.62 2.62
CA ASP A 10 -8.25 -3.83 1.20
C ASP A 10 -6.73 -3.79 0.96
N LEU A 11 -6.23 -4.69 0.11
CA LEU A 11 -4.82 -4.72 -0.26
C LEU A 11 -4.64 -3.81 -1.46
N VAL A 12 -3.65 -2.92 -1.38
CA VAL A 12 -3.37 -1.96 -2.44
C VAL A 12 -1.89 -1.78 -2.66
N TRP A 13 -1.53 -1.20 -3.80
CA TRP A 13 -0.18 -0.79 -4.16
C TRP A 13 -0.20 0.73 -3.99
N SER A 14 0.81 1.30 -3.34
CA SER A 14 0.93 2.76 -3.19
C SER A 14 2.23 3.25 -3.81
N LYS A 15 2.18 4.40 -4.47
CA LYS A 15 3.35 5.04 -5.12
C LYS A 15 3.61 6.37 -4.38
N VAL A 16 4.61 6.39 -3.48
CA VAL A 16 4.95 7.53 -2.63
C VAL A 16 6.43 7.93 -2.77
N GLY A 17 6.70 9.23 -2.70
CA GLY A 17 8.04 9.80 -2.76
C GLY A 17 8.88 9.25 -3.89
N THR A 18 10.07 8.76 -3.57
CA THR A 18 11.02 8.19 -4.54
C THR A 18 10.91 6.67 -4.61
N TYR A 19 9.97 6.10 -3.86
CA TYR A 19 9.81 4.65 -3.77
C TYR A 19 9.02 4.03 -4.90
N PRO A 20 9.33 2.77 -5.29
CA PRO A 20 8.52 2.13 -6.33
C PRO A 20 7.15 1.74 -5.78
N TRP A 21 6.21 1.33 -6.67
CA TRP A 21 4.88 0.84 -6.25
C TRP A 21 5.13 -0.15 -5.12
N TRP A 22 4.47 0.08 -3.95
CA TRP A 22 4.72 -0.70 -2.75
C TRP A 22 3.47 -1.40 -2.20
N PRO A 23 3.56 -2.70 -1.81
CA PRO A 23 2.37 -3.38 -1.23
C PRO A 23 1.94 -2.76 0.11
N CYS A 24 0.61 -2.48 0.23
CA CYS A 24 -0.02 -1.86 1.40
C CYS A 24 -1.34 -2.55 1.76
N MET A 25 -1.89 -2.14 2.90
CA MET A 25 -3.22 -2.49 3.36
C MET A 25 -3.89 -1.20 3.82
N VAL A 26 -5.11 -0.95 3.33
CA VAL A 26 -5.91 0.21 3.67
C VAL A 26 -6.34 0.05 5.15
N SER A 27 -6.24 1.13 5.93
CA SER A 27 -6.55 1.10 7.35
C SER A 27 -7.09 2.45 7.78
N SER A 28 -7.73 2.48 8.95
CA SER A 28 -8.27 3.73 9.50
C SER A 28 -7.13 4.50 10.16
N ASP A 29 -7.08 5.81 9.93
CA ASP A 29 -6.09 6.69 10.58
C ASP A 29 -6.40 6.69 12.10
N PRO A 30 -5.42 6.47 13.00
CA PRO A 30 -5.73 6.40 14.44
C PRO A 30 -6.29 7.69 15.06
N GLN A 31 -5.87 8.84 14.51
CA GLN A 31 -6.28 10.17 14.93
C GLN A 31 -7.59 10.62 14.25
N LEU A 32 -7.66 10.54 12.89
CA LEU A 32 -8.85 10.99 12.15
C LEU A 32 -10.03 10.03 12.21
N GLU A 33 -9.75 8.72 12.50
CA GLU A 33 -10.74 7.63 12.63
C GLU A 33 -11.53 7.37 11.33
N VAL A 34 -10.86 7.63 10.20
CA VAL A 34 -11.35 7.39 8.84
C VAL A 34 -10.21 6.79 8.02
N HIS A 35 -10.55 5.98 7.01
CA HIS A 35 -9.59 5.33 6.10
C HIS A 35 -9.50 6.15 4.79
N THR A 36 -10.41 7.09 4.61
CA THR A 36 -10.47 7.94 3.41
C THR A 36 -10.86 9.37 3.78
N LYS A 37 -10.45 10.36 2.94
CA LYS A 37 -10.78 11.78 3.16
C LYS A 37 -10.59 12.58 1.88
N ILE A 38 -11.07 13.82 1.91
CA ILE A 38 -10.85 14.77 0.82
C ILE A 38 -9.80 15.72 1.38
N ASN A 39 -8.71 15.92 0.62
CA ASN A 39 -7.61 16.79 1.02
C ASN A 39 -7.91 18.26 0.77
N THR A 40 -6.99 19.13 1.22
CA THR A 40 -7.07 20.59 1.09
C THR A 40 -7.09 21.06 -0.38
N ARG A 41 -6.81 20.16 -1.34
CA ARG A 41 -6.85 20.43 -2.78
C ARG A 41 -8.14 19.90 -3.42
N GLY A 42 -8.99 19.26 -2.61
CA GLY A 42 -10.28 18.70 -3.04
C GLY A 42 -10.22 17.30 -3.62
N ALA A 43 -9.05 16.64 -3.51
CA ALA A 43 -8.83 15.29 -4.02
C ALA A 43 -8.97 14.21 -2.94
N ARG A 44 -9.43 13.01 -3.35
CA ARG A 44 -9.59 11.90 -2.43
C ARG A 44 -8.25 11.26 -2.08
N GLU A 45 -8.08 10.91 -0.80
CA GLU A 45 -6.89 10.23 -0.29
C GLU A 45 -7.31 9.03 0.53
N TYR A 46 -6.44 7.99 0.61
CA TYR A 46 -6.70 6.81 1.42
C TYR A 46 -5.56 6.64 2.41
N HIS A 47 -5.89 6.16 3.60
CA HIS A 47 -4.89 5.90 4.62
C HIS A 47 -4.43 4.45 4.45
N VAL A 48 -3.11 4.26 4.35
CA VAL A 48 -2.56 2.94 4.15
C VAL A 48 -1.44 2.64 5.15
N GLN A 49 -1.20 1.36 5.39
CA GLN A 49 -0.04 0.89 6.12
C GLN A 49 0.80 0.11 5.12
N PHE A 50 2.08 0.45 5.00
CA PHE A 50 2.99 -0.24 4.08
C PHE A 50 3.44 -1.55 4.66
N PHE A 51 3.65 -2.54 3.79
CA PHE A 51 4.23 -3.82 4.20
C PHE A 51 5.73 -3.54 3.97
N SER A 52 6.33 -2.84 4.95
CA SER A 52 7.71 -2.36 4.90
C SER A 52 8.39 -2.58 6.25
N ASN A 53 9.74 -2.49 6.26
CA ASN A 53 10.56 -2.74 7.45
C ASN A 53 10.24 -1.82 8.63
N GLN A 54 10.29 -0.51 8.43
CA GLN A 54 9.93 0.44 9.48
C GLN A 54 8.40 0.55 9.45
N PRO A 55 7.70 0.43 10.60
CA PRO A 55 6.22 0.59 10.55
C PRO A 55 5.90 1.97 10.00
N GLU A 56 5.36 1.98 8.77
CA GLU A 56 5.02 3.18 8.00
C GLU A 56 3.55 3.18 7.61
N ARG A 57 2.91 4.34 7.79
CA ARG A 57 1.53 4.64 7.41
C ARG A 57 1.55 5.97 6.64
N ALA A 58 0.61 6.16 5.71
CA ALA A 58 0.54 7.43 4.98
C ALA A 58 -0.82 7.67 4.36
N TRP A 59 -1.18 8.95 4.19
CA TRP A 59 -2.36 9.40 3.44
C TRP A 59 -1.84 9.49 2.00
N VAL A 60 -2.45 8.69 1.11
CA VAL A 60 -1.99 8.59 -0.28
C VAL A 60 -3.09 9.04 -1.22
N HIS A 61 -2.73 9.92 -2.18
CA HIS A 61 -3.62 10.41 -3.23
C HIS A 61 -4.17 9.20 -3.98
N GLU A 62 -5.49 9.18 -4.23
CA GLU A 62 -6.20 8.11 -4.94
C GLU A 62 -5.56 7.70 -6.29
N LYS A 63 -4.93 8.67 -7.00
CA LYS A 63 -4.25 8.43 -8.28
C LYS A 63 -2.96 7.61 -8.10
N ARG A 64 -2.44 7.56 -6.86
CA ARG A 64 -1.20 6.85 -6.50
C ARG A 64 -1.52 5.54 -5.76
N VAL A 65 -2.78 5.09 -5.82
CA VAL A 65 -3.24 3.85 -5.18
C VAL A 65 -3.88 2.97 -6.25
N ARG A 66 -3.54 1.66 -6.22
CA ARG A 66 -4.10 0.65 -7.14
C ARG A 66 -4.45 -0.60 -6.36
N GLU A 67 -5.53 -1.28 -6.76
CA GLU A 67 -5.93 -2.53 -6.14
C GLU A 67 -4.78 -3.55 -6.28
N TYR A 68 -4.44 -4.23 -5.18
CA TYR A 68 -3.39 -5.25 -5.20
C TYR A 68 -4.03 -6.56 -5.62
N LYS A 69 -3.81 -6.99 -6.88
CA LYS A 69 -4.35 -8.23 -7.43
C LYS A 69 -3.38 -9.39 -7.25
N GLY A 70 -2.10 -9.06 -7.11
CA GLY A 70 -1.00 -10.01 -6.95
C GLY A 70 0.32 -9.35 -7.25
N HIS A 71 1.44 -9.99 -6.88
CA HIS A 71 2.78 -9.46 -7.07
C HIS A 71 3.21 -9.28 -8.53
N LYS A 72 2.70 -10.13 -9.44
CA LYS A 72 3.03 -10.09 -10.86
C LYS A 72 2.39 -8.88 -11.60
N GLN A 73 1.44 -8.19 -10.94
CA GLN A 73 0.76 -6.98 -11.42
C GLN A 73 1.76 -5.80 -11.54
N TYR A 74 2.95 -5.92 -10.89
CA TYR A 74 3.99 -4.89 -10.87
C TYR A 74 4.38 -4.40 -12.27
N GLU A 75 4.52 -5.31 -13.24
CA GLU A 75 4.85 -5.00 -14.65
C GLU A 75 3.78 -4.12 -15.30
N GLU A 76 2.49 -4.39 -14.99
CA GLU A 76 1.34 -3.64 -15.51
C GLU A 76 1.33 -2.22 -14.96
N LEU A 77 1.80 -2.04 -13.71
CA LEU A 77 1.87 -0.73 -13.07
C LEU A 77 2.93 0.11 -13.78
N LEU A 78 4.08 -0.50 -14.11
CA LEU A 78 5.15 0.15 -14.87
C LEU A 78 4.64 0.52 -16.28
N ALA A 79 3.86 -0.38 -16.91
CA ALA A 79 3.29 -0.18 -18.25
C ALA A 79 2.40 1.08 -18.36
N GLU A 80 1.82 1.55 -17.22
CA GLU A 80 1.02 2.79 -17.14
C GLU A 80 1.81 4.02 -17.58
N ALA A 81 3.14 4.03 -17.32
CA ALA A 81 4.07 5.10 -17.70
C ALA A 81 4.33 5.08 -19.20
N THR A 82 4.30 3.88 -19.81
CA THR A 82 4.52 3.67 -21.23
C THR A 82 3.25 4.00 -22.02
N LYS A 93 14.50 -1.21 -25.34
CA LYS A 93 13.84 -1.46 -24.05
C LYS A 93 14.70 -0.95 -22.89
N ILE A 94 14.12 -0.09 -22.04
CA ILE A 94 14.83 0.51 -20.91
C ILE A 94 14.25 0.07 -19.56
N ARG A 95 15.13 -0.24 -18.60
CA ARG A 95 14.79 -0.64 -17.23
C ARG A 95 15.54 0.24 -16.24
N LYS A 96 14.86 0.65 -15.16
CA LYS A 96 15.46 1.47 -14.11
C LYS A 96 15.97 0.61 -12.96
N PRO A 97 17.22 0.81 -12.49
CA PRO A 97 17.69 0.02 -11.35
C PRO A 97 17.16 0.57 -10.02
N ARG A 98 17.24 -0.25 -8.98
CA ARG A 98 16.89 0.11 -7.61
C ARG A 98 17.82 -0.62 -6.64
N PRO A 99 18.21 0.00 -5.50
CA PRO A 99 19.15 -0.68 -4.58
C PRO A 99 18.70 -2.06 -4.15
N GLN A 100 19.66 -3.00 -4.06
CA GLN A 100 19.44 -4.40 -3.67
C GLN A 100 18.73 -4.47 -2.31
N ARG A 101 19.16 -3.62 -1.35
CA ARG A 101 18.63 -3.51 0.01
C ARG A 101 17.16 -3.11 -0.01
N GLU A 102 16.77 -2.22 -0.96
CA GLU A 102 15.38 -1.80 -1.15
C GLU A 102 14.56 -2.96 -1.73
N ARG A 103 15.15 -3.67 -2.74
CA ARG A 103 14.51 -4.83 -3.37
C ARG A 103 14.27 -5.93 -2.33
N ALA A 104 15.23 -6.13 -1.39
CA ALA A 104 15.13 -7.14 -0.33
C ALA A 104 13.96 -6.83 0.62
N GLN A 105 13.81 -5.55 1.02
CA GLN A 105 12.71 -5.16 1.90
C GLN A 105 11.34 -5.21 1.17
N TRP A 106 11.35 -4.90 -0.15
CA TRP A 106 10.15 -4.97 -1.01
C TRP A 106 9.71 -6.43 -1.17
N ASP A 107 10.68 -7.37 -1.30
CA ASP A 107 10.40 -8.81 -1.41
C ASP A 107 9.74 -9.36 -0.14
N ILE A 108 10.13 -8.84 1.05
CA ILE A 108 9.53 -9.29 2.33
C ILE A 108 8.09 -8.77 2.43
N GLY A 109 7.89 -7.50 2.06
CA GLY A 109 6.58 -6.87 2.04
C GLY A 109 5.64 -7.54 1.07
N ILE A 110 6.16 -7.95 -0.12
CA ILE A 110 5.40 -8.67 -1.15
C ILE A 110 4.99 -10.04 -0.59
N ALA A 111 5.91 -10.71 0.11
CA ALA A 111 5.66 -12.01 0.73
C ALA A 111 4.54 -11.89 1.77
N HIS A 112 4.51 -10.78 2.55
CA HIS A 112 3.43 -10.54 3.53
C HIS A 112 2.11 -10.28 2.80
N ALA A 113 2.15 -9.52 1.69
CA ALA A 113 0.97 -9.19 0.88
C ALA A 113 0.35 -10.44 0.23
N GLU A 114 1.21 -11.42 -0.17
CA GLU A 114 0.75 -12.67 -0.78
C GLU A 114 0.02 -13.52 0.24
N LYS A 115 0.51 -13.54 1.48
CA LYS A 115 -0.11 -14.27 2.59
C LYS A 115 -1.46 -13.63 2.94
N ALA A 116 -1.49 -12.28 2.98
CA ALA A 116 -2.69 -11.47 3.28
C ALA A 116 -3.80 -11.66 2.23
N LEU A 117 -3.42 -11.83 0.94
CA LEU A 117 -4.31 -12.03 -0.20
C LEU A 117 -5.10 -13.33 -0.12
N LYS A 118 -4.52 -14.35 0.56
CA LYS A 118 -5.08 -15.68 0.78
C LYS A 118 -6.08 -15.70 1.95
N MET A 119 -6.13 -14.60 2.70
CA MET A 119 -7.01 -14.42 3.86
C MET A 119 -8.28 -13.71 3.47
N THR A 120 -9.28 -13.73 4.39
CA THR A 120 -10.51 -12.95 4.23
C THR A 120 -10.14 -11.55 4.73
N ARG A 121 -10.99 -10.55 4.45
CA ARG A 121 -10.76 -9.16 4.87
C ARG A 121 -10.64 -9.09 6.41
N GLU A 122 -11.53 -9.79 7.13
CA GLU A 122 -11.55 -9.86 8.60
C GLU A 122 -10.25 -10.43 9.15
N GLU A 123 -9.76 -11.55 8.56
CA GLU A 123 -8.52 -12.22 8.98
C GLU A 123 -7.32 -11.28 8.84
N ARG A 124 -7.23 -10.63 7.68
CA ARG A 124 -6.22 -9.66 7.28
C ARG A 124 -6.18 -8.47 8.25
N ILE A 125 -7.35 -7.88 8.57
CA ILE A 125 -7.43 -6.75 9.50
C ILE A 125 -6.86 -7.20 10.86
N GLU A 126 -7.31 -8.37 11.37
CA GLU A 126 -6.82 -8.94 12.63
C GLU A 126 -5.28 -9.15 12.62
N GLN A 127 -4.78 -9.84 11.58
CA GLN A 127 -3.38 -10.20 11.42
C GLN A 127 -2.39 -9.05 11.21
N TYR A 128 -2.78 -8.02 10.43
CA TYR A 128 -1.84 -6.99 9.99
C TYR A 128 -2.07 -5.58 10.50
N THR A 129 -3.27 -5.21 10.98
CA THR A 129 -3.48 -3.84 11.46
C THR A 129 -2.51 -3.47 12.58
N PHE A 130 -1.85 -2.32 12.40
CA PHE A 130 -0.88 -1.76 13.33
C PHE A 130 -1.49 -1.43 14.68
N ILE A 131 -0.67 -1.52 15.73
CA ILE A 131 -1.04 -1.14 17.09
C ILE A 131 -0.39 0.23 17.30
N TYR A 132 -1.17 1.21 17.73
CA TYR A 132 -0.70 2.56 17.96
C TYR A 132 -0.56 2.85 19.45
N ILE A 133 0.61 3.38 19.85
CA ILE A 133 0.93 3.67 21.25
C ILE A 133 1.18 5.18 21.45
N ASP A 134 0.53 5.76 22.48
CA ASP A 134 0.64 7.17 22.84
C ASP A 134 1.98 7.46 23.50
C4 EH2 B . 8.88 -6.50 7.75
C5 EH2 B . 5.30 -5.81 7.73
C7 EH2 B . 7.66 -6.37 7.03
C8 EH2 B . 2.25 -6.89 9.92
C13 EH2 B . 10.09 -6.27 7.08
C15 EH2 B . 10.11 -5.91 5.75
C1 EH2 B . 8.96 -6.82 9.22
C11 EH2 B . 1.92 -5.72 9.32
C14 EH2 B . 7.71 -6.02 5.67
C16 EH2 B . 8.92 -5.80 5.04
C2 EH2 B . 6.37 -6.60 7.70
C3 EH2 B . 4.08 -6.05 8.47
C9 EH2 B . 2.97 -5.21 8.48
O10 EH2 B . 8.27 -6.15 10.02
O12 EH2 B . 9.72 -7.74 9.59
S6 EH2 B . 3.82 -7.43 9.46
#